data_4C04
#
_entry.id   4C04
#
_cell.length_a   78.835
_cell.length_b   78.835
_cell.length_c   118.472
_cell.angle_alpha   90.00
_cell.angle_beta   90.00
_cell.angle_gamma   90.00
#
_symmetry.space_group_name_H-M   'I 41'
#
loop_
_entity.id
_entity.type
_entity.pdbx_description
1 polymer 'PROTEIN ARGININE N-METHYLTRANSFERASE 6'
2 non-polymer SINEFUNGIN
3 water water
#
_entity_poly.entity_id   1
_entity_poly.type   'polypeptide(L)'
_entity_poly.pdbx_seq_one_letter_code
;RGSHMSLSKKRKLESGDSGGAGAGGEGAEEENGGEQEAAPPRPRRTKSERDQLYYECYSDVSVHEEMIADQVRTEAYRLG
ILKNWAALRGKTVLDVGAGTGILSIFCAQAGARRVYAVEASAIWQQAREVVRLNGLEDRVHVLPGPVETVELPERVDAIV
SEWMGYGLLHESMLSSVLHARTKWLKEGGLLLPASAELFVAPISDQMLEWRLGFWSQVKQHYGVDMSCMESFATRCLMGH
SEIVVQDLSGEDVLARPQRFAQLELARAGLEQELEAGVGGRFRCSCYGSAPLHGFAVWFQVTFPGGDSEKPLVLSTSPLH
PATHWKQALLYLNEPVPVEQDTDISGEITLLPSPDNPRRLRILLRYKVGDHEEKTKDFAMED
;
_entity_poly.pdbx_strand_id   A
#
# COMPACT_ATOMS: atom_id res chain seq x y z
N GLN A 52 24.29 29.58 6.66
CA GLN A 52 23.81 28.88 7.86
C GLN A 52 24.19 27.40 7.83
N LEU A 53 23.56 26.64 8.71
CA LEU A 53 23.90 25.23 8.91
C LEU A 53 23.37 24.32 7.79
N TYR A 54 23.98 23.15 7.66
CA TYR A 54 23.50 22.12 6.73
C TYR A 54 22.85 20.99 7.50
N TYR A 55 21.78 20.48 6.92
CA TYR A 55 20.96 19.44 7.53
C TYR A 55 20.79 18.28 6.56
N GLU A 56 20.41 17.13 7.12
CA GLU A 56 20.23 15.91 6.34
C GLU A 56 18.82 15.36 6.55
N CYS A 57 17.82 16.17 6.21
CA CYS A 57 16.42 15.81 6.44
C CYS A 57 15.58 16.00 5.19
N TYR A 58 16.24 16.03 4.03
CA TYR A 58 15.51 16.13 2.76
C TYR A 58 14.49 15.00 2.64
N SER A 59 14.93 13.81 3.03
CA SER A 59 14.10 12.61 2.96
C SER A 59 12.88 12.72 3.86
N ASP A 60 13.10 13.22 5.08
CA ASP A 60 12.02 13.33 6.05
C ASP A 60 10.89 14.25 5.56
N VAL A 61 11.25 15.41 5.01
CA VAL A 61 10.21 16.34 4.56
C VAL A 61 9.51 15.78 3.31
N SER A 62 10.28 15.13 2.43
CA SER A 62 9.75 14.66 1.16
CA SER A 62 9.75 14.67 1.16
C SER A 62 8.72 13.53 1.36
N VAL A 63 9.00 12.66 2.33
CA VAL A 63 8.06 11.58 2.63
C VAL A 63 6.74 12.14 3.13
N HIS A 64 6.78 13.14 3.99
CA HIS A 64 5.58 13.67 4.59
C HIS A 64 4.85 14.61 3.64
N GLU A 65 5.61 15.29 2.80
CA GLU A 65 5.00 16.10 1.74
C GLU A 65 4.22 15.19 0.78
N GLU A 66 4.82 14.07 0.42
CA GLU A 66 4.17 13.13 -0.47
C GLU A 66 2.82 12.65 0.09
N MET A 67 2.81 12.30 1.38
CA MET A 67 1.59 11.85 2.04
C MET A 67 0.51 12.93 2.07
N ILE A 68 0.87 14.13 2.48
CA ILE A 68 -0.13 15.16 2.70
C ILE A 68 -0.64 15.66 1.35
N ALA A 69 0.24 15.69 0.34
CA ALA A 69 -0.15 16.10 -1.01
C ALA A 69 -0.93 15.02 -1.76
N ASP A 70 -0.99 13.83 -1.19
CA ASP A 70 -1.86 12.77 -1.71
C ASP A 70 -3.27 13.10 -1.24
N GLN A 71 -4.01 13.78 -2.13
CA GLN A 71 -5.34 14.25 -1.81
C GLN A 71 -6.30 13.10 -1.54
N VAL A 72 -6.17 12.04 -2.32
CA VAL A 72 -7.03 10.89 -2.17
C VAL A 72 -6.86 10.31 -0.77
N ARG A 73 -5.62 10.09 -0.36
CA ARG A 73 -5.32 9.59 0.96
C ARG A 73 -5.76 10.51 2.06
N THR A 74 -5.36 11.76 1.98
CA THR A 74 -5.59 12.66 3.10
C THR A 74 -7.07 13.01 3.24
N GLU A 75 -7.77 13.20 2.13
CA GLU A 75 -9.21 13.46 2.23
C GLU A 75 -9.99 12.22 2.67
N ALA A 76 -9.57 11.02 2.28
CA ALA A 76 -10.23 9.82 2.75
C ALA A 76 -10.14 9.69 4.27
N TYR A 77 -8.97 9.98 4.83
CA TYR A 77 -8.85 9.94 6.26
C TYR A 77 -9.64 11.07 6.91
N ARG A 78 -9.58 12.28 6.35
CA ARG A 78 -10.34 13.37 6.96
C ARG A 78 -11.83 13.00 7.05
N LEU A 79 -12.40 12.52 5.95
CA LEU A 79 -13.80 12.19 5.90
C LEU A 79 -14.12 10.92 6.67
N GLY A 80 -13.22 9.94 6.61
CA GLY A 80 -13.41 8.71 7.35
C GLY A 80 -13.50 8.94 8.85
N ILE A 81 -12.64 9.84 9.31
CA ILE A 81 -12.64 10.23 10.71
C ILE A 81 -13.87 11.05 11.03
N LEU A 82 -14.17 12.06 10.22
CA LEU A 82 -15.35 12.87 10.47
C LEU A 82 -16.65 12.05 10.46
N LYS A 83 -16.77 11.07 9.55
CA LYS A 83 -17.96 10.23 9.51
C LYS A 83 -18.15 9.40 10.79
N ASN A 84 -17.10 9.25 11.55
CA ASN A 84 -17.18 8.51 12.80
C ASN A 84 -17.22 9.44 14.01
N TRP A 85 -17.64 10.68 13.81
CA TRP A 85 -17.68 11.63 14.91
C TRP A 85 -18.55 11.15 16.07
N ALA A 86 -19.66 10.45 15.79
CA ALA A 86 -20.53 10.01 16.88
C ALA A 86 -19.80 9.01 17.76
N ALA A 87 -18.90 8.23 17.17
CA ALA A 87 -18.11 7.25 17.92
C ALA A 87 -16.89 7.88 18.61
N LEU A 88 -16.45 9.04 18.14
CA LEU A 88 -15.23 9.66 18.64
C LEU A 88 -15.50 10.78 19.65
N ARG A 89 -16.71 11.35 19.58
CA ARG A 89 -17.00 12.56 20.34
C ARG A 89 -16.90 12.31 21.85
N GLY A 90 -16.03 13.07 22.50
CA GLY A 90 -15.83 12.97 23.93
C GLY A 90 -15.00 11.77 24.33
N LYS A 91 -14.46 11.07 23.35
CA LYS A 91 -13.69 9.84 23.56
C LYS A 91 -12.18 10.06 23.42
N THR A 92 -11.39 9.04 23.74
CA THR A 92 -9.94 9.11 23.62
C THR A 92 -9.43 8.28 22.45
N VAL A 93 -8.39 8.77 21.79
CA VAL A 93 -7.88 8.17 20.57
C VAL A 93 -6.37 8.02 20.66
N LEU A 94 -5.88 6.90 20.16
CA LEU A 94 -4.48 6.69 19.91
C LEU A 94 -4.21 6.73 18.41
N ASP A 95 -3.37 7.66 17.98
CA ASP A 95 -2.89 7.78 16.59
C ASP A 95 -1.56 7.09 16.51
N VAL A 96 -1.53 5.92 15.87
CA VAL A 96 -0.33 5.12 15.76
C VAL A 96 0.48 5.56 14.55
N GLY A 97 1.65 6.15 14.78
CA GLY A 97 2.49 6.62 13.70
C GLY A 97 1.99 7.94 13.22
N ALA A 98 1.97 8.92 14.12
CA ALA A 98 1.27 10.17 13.88
C ALA A 98 1.95 11.10 12.87
N GLY A 99 3.21 10.85 12.57
CA GLY A 99 3.91 11.65 11.57
C GLY A 99 3.90 13.12 11.90
N THR A 100 3.39 13.94 10.97
CA THR A 100 3.27 15.38 11.21
C THR A 100 2.06 15.78 12.08
N GLY A 101 1.21 14.82 12.43
CA GLY A 101 0.13 15.02 13.38
C GLY A 101 -1.22 15.28 12.75
N ILE A 102 -1.31 15.28 11.43
CA ILE A 102 -2.55 15.79 10.80
C ILE A 102 -3.74 14.89 11.13
N LEU A 103 -3.58 13.58 11.22
CA LEU A 103 -4.71 12.73 11.56
C LEU A 103 -5.15 12.92 12.99
N SER A 104 -4.20 13.20 13.89
CA SER A 104 -4.56 13.45 15.27
C SER A 104 -5.40 14.71 15.39
N ILE A 105 -5.08 15.71 14.58
CA ILE A 105 -5.83 16.93 14.61
CA ILE A 105 -5.82 16.96 14.55
C ILE A 105 -7.21 16.69 13.99
N PHE A 106 -7.29 15.90 12.92
CA PHE A 106 -8.61 15.55 12.38
C PHE A 106 -9.50 14.92 13.46
N CYS A 107 -8.92 14.04 14.27
CA CYS A 107 -9.65 13.40 15.35
C CYS A 107 -10.15 14.39 16.38
N ALA A 108 -9.29 15.33 16.76
CA ALA A 108 -9.71 16.38 17.68
C ALA A 108 -10.87 17.20 17.08
N GLN A 109 -10.76 17.49 15.80
CA GLN A 109 -11.78 18.26 15.11
C GLN A 109 -13.09 17.47 14.99
N ALA A 110 -13.01 16.15 14.99
CA ALA A 110 -14.22 15.31 15.00
C ALA A 110 -14.82 15.20 16.38
N GLY A 111 -14.18 15.79 17.38
CA GLY A 111 -14.74 15.83 18.72
C GLY A 111 -14.04 14.99 19.79
N ALA A 112 -12.94 14.32 19.46
CA ALA A 112 -12.22 13.55 20.46
C ALA A 112 -11.83 14.39 21.66
N ARG A 113 -11.99 13.82 22.84
CA ARG A 113 -11.66 14.49 24.08
C ARG A 113 -10.15 14.63 24.24
N ARG A 114 -9.45 13.60 23.81
CA ARG A 114 -8.03 13.50 24.01
C ARG A 114 -7.45 12.59 22.97
N VAL A 115 -6.30 12.97 22.43
CA VAL A 115 -5.64 12.18 21.40
C VAL A 115 -4.18 12.00 21.79
N TYR A 116 -3.72 10.76 21.77
CA TYR A 116 -2.31 10.46 21.96
C TYR A 116 -1.67 10.17 20.62
N ALA A 117 -0.72 11.01 20.22
CA ALA A 117 -0.11 10.94 18.92
C ALA A 117 1.29 10.40 19.06
N VAL A 118 1.46 9.14 18.71
CA VAL A 118 2.72 8.43 18.96
C VAL A 118 3.49 8.32 17.65
N GLU A 119 4.74 8.76 17.66
CA GLU A 119 5.54 8.82 16.46
C GLU A 119 6.98 8.49 16.77
N ALA A 120 7.54 7.49 16.11
CA ALA A 120 8.90 7.07 16.40
C ALA A 120 10.04 7.85 15.69
N SER A 121 9.75 8.45 14.54
CA SER A 121 10.80 9.12 13.78
C SER A 121 11.00 10.53 14.31
N ALA A 122 12.00 11.20 13.76
CA ALA A 122 12.38 12.53 14.18
C ALA A 122 11.25 13.57 13.97
N ILE A 123 10.33 13.24 13.09
CA ILE A 123 9.27 14.16 12.69
C ILE A 123 8.28 14.42 13.82
N TRP A 124 8.35 13.67 14.92
CA TRP A 124 7.43 13.93 16.03
C TRP A 124 7.53 15.38 16.51
N GLN A 125 8.72 15.96 16.43
CA GLN A 125 8.91 17.33 16.88
C GLN A 125 8.05 18.31 16.08
N GLN A 126 7.92 18.04 14.79
CA GLN A 126 7.10 18.91 13.95
CA GLN A 126 7.12 18.92 13.97
C GLN A 126 5.63 18.73 14.28
N ALA A 127 5.21 17.49 14.57
CA ALA A 127 3.85 17.22 15.03
C ALA A 127 3.51 18.03 16.28
N ARG A 128 4.42 18.08 17.23
CA ARG A 128 4.14 18.88 18.43
C ARG A 128 3.93 20.37 18.09
N GLU A 129 4.70 20.90 17.14
CA GLU A 129 4.58 22.30 16.71
C GLU A 129 3.22 22.50 16.01
N VAL A 130 2.84 21.53 15.19
CA VAL A 130 1.57 21.59 14.44
C VAL A 130 0.42 21.60 15.44
N VAL A 131 0.50 20.73 16.44
CA VAL A 131 -0.54 20.70 17.46
C VAL A 131 -0.66 22.05 18.17
N ARG A 132 0.47 22.65 18.55
CA ARG A 132 0.46 23.92 19.24
C ARG A 132 -0.13 25.02 18.36
N LEU A 133 0.21 24.97 17.07
CA LEU A 133 -0.20 26.02 16.14
C LEU A 133 -1.71 26.00 15.96
N ASN A 134 -2.31 24.83 16.08
CA ASN A 134 -3.77 24.69 15.96
C ASN A 134 -4.48 24.79 17.31
N GLY A 135 -3.76 25.23 18.34
CA GLY A 135 -4.34 25.43 19.65
C GLY A 135 -4.85 24.20 20.38
N LEU A 136 -4.21 23.06 20.16
CA LEU A 136 -4.72 21.78 20.65
C LEU A 136 -3.77 21.10 21.63
N GLU A 137 -2.82 21.87 22.17
CA GLU A 137 -1.82 21.30 23.06
C GLU A 137 -2.44 20.72 24.34
N ASP A 138 -3.66 21.14 24.66
CA ASP A 138 -4.34 20.67 25.85
C ASP A 138 -5.02 19.31 25.66
N ARG A 139 -5.28 18.93 24.41
CA ARG A 139 -5.98 17.67 24.15
C ARG A 139 -5.26 16.70 23.21
N VAL A 140 -4.26 17.17 22.46
CA VAL A 140 -3.47 16.26 21.63
C VAL A 140 -2.05 16.24 22.17
N HIS A 141 -1.60 15.06 22.55
CA HIS A 141 -0.31 14.88 23.21
C HIS A 141 0.60 14.06 22.32
N VAL A 142 1.74 14.61 21.94
CA VAL A 142 2.66 13.93 21.03
C VAL A 142 3.72 13.22 21.86
N LEU A 143 3.83 11.92 21.62
CA LEU A 143 4.71 11.05 22.40
C LEU A 143 5.73 10.40 21.47
N PRO A 144 7.02 10.70 21.66
CA PRO A 144 8.02 10.09 20.79
C PRO A 144 8.31 8.65 21.14
N GLY A 145 8.76 7.89 20.14
CA GLY A 145 9.23 6.52 20.35
C GLY A 145 8.26 5.54 19.75
N PRO A 146 8.60 4.25 19.73
CA PRO A 146 7.68 3.25 19.15
C PRO A 146 6.43 3.05 20.02
N VAL A 147 5.30 2.82 19.38
CA VAL A 147 4.09 2.59 20.14
C VAL A 147 4.19 1.33 21.02
N GLU A 148 5.09 0.41 20.66
CA GLU A 148 5.24 -0.81 21.42
C GLU A 148 5.70 -0.55 22.86
N THR A 149 6.41 0.56 23.09
CA THR A 149 6.93 0.86 24.42
C THR A 149 6.43 2.19 25.01
N VAL A 150 5.57 2.90 24.31
CA VAL A 150 5.06 4.16 24.84
C VAL A 150 4.22 3.89 26.10
N GLU A 151 4.19 4.86 27.02
CA GLU A 151 3.34 4.78 28.19
C GLU A 151 2.22 5.81 28.10
N LEU A 152 1.00 5.31 27.91
CA LEU A 152 -0.18 6.17 27.97
C LEU A 152 -0.76 6.12 29.36
N PRO A 153 -1.44 7.21 29.77
CA PRO A 153 -2.04 7.23 31.11
C PRO A 153 -3.38 6.52 31.20
N GLU A 154 -3.90 6.03 30.07
CA GLU A 154 -5.20 5.38 30.04
C GLU A 154 -5.32 4.53 28.78
N ARG A 155 -6.22 3.56 28.79
CA ARG A 155 -6.60 2.85 27.58
C ARG A 155 -7.48 3.77 26.75
N VAL A 156 -7.59 3.49 25.46
CA VAL A 156 -8.27 4.40 24.54
C VAL A 156 -9.50 3.78 23.92
N ASP A 157 -10.42 4.64 23.49
CA ASP A 157 -11.64 4.21 22.85
C ASP A 157 -11.48 3.87 21.37
N ALA A 158 -10.41 4.37 20.75
CA ALA A 158 -10.22 4.24 19.34
C ALA A 158 -8.76 4.34 18.97
N ILE A 159 -8.42 3.63 17.92
CA ILE A 159 -7.12 3.77 17.26
C ILE A 159 -7.32 4.22 15.83
N VAL A 160 -6.59 5.26 15.44
CA VAL A 160 -6.53 5.68 14.06
C VAL A 160 -5.07 5.48 13.60
N SER A 161 -4.88 5.06 12.38
CA SER A 161 -3.53 4.87 11.85
CA SER A 161 -3.54 4.88 11.85
C SER A 161 -3.55 4.81 10.34
N GLU A 162 -2.57 5.46 9.75
CA GLU A 162 -2.26 5.28 8.33
C GLU A 162 -0.96 4.44 8.32
N TRP A 163 -1.18 3.15 8.23
CA TRP A 163 -0.13 2.14 8.43
C TRP A 163 0.27 1.44 7.16
N MET A 164 -0.46 1.67 6.08
CA MET A 164 -0.27 0.90 4.86
C MET A 164 1.00 1.27 4.14
N GLY A 165 1.66 0.24 3.64
CA GLY A 165 2.82 0.41 2.80
C GLY A 165 2.58 0.00 1.35
N TYR A 166 3.64 0.07 0.55
CA TYR A 166 3.57 -0.40 -0.83
C TYR A 166 3.17 -1.85 -0.80
N GLY A 167 2.32 -2.28 -1.73
CA GLY A 167 1.80 -3.64 -1.67
C GLY A 167 1.10 -3.98 -0.36
N LEU A 168 0.54 -2.95 0.26
CA LEU A 168 -0.10 -2.98 1.58
C LEU A 168 0.88 -3.25 2.72
N LEU A 169 1.69 -4.28 2.59
CA LEU A 169 2.46 -4.75 3.75
C LEU A 169 3.95 -4.46 3.73
N HIS A 170 4.48 -3.79 2.73
CA HIS A 170 5.89 -3.43 2.76
C HIS A 170 6.11 -2.31 3.75
N GLU A 171 6.99 -2.54 4.73
CA GLU A 171 7.37 -1.52 5.71
C GLU A 171 6.14 -0.88 6.28
N SER A 172 5.11 -1.69 6.46
CA SER A 172 3.86 -1.19 6.98
C SER A 172 3.93 -1.25 8.50
N MET A 173 3.17 -0.38 9.13
CA MET A 173 3.06 -0.38 10.55
C MET A 173 2.00 -1.39 11.09
N LEU A 174 1.44 -2.29 10.28
CA LEU A 174 0.29 -3.07 10.74
C LEU A 174 0.58 -3.84 12.05
N SER A 175 1.73 -4.47 12.18
CA SER A 175 2.01 -5.21 13.39
CA SER A 175 2.06 -5.21 13.40
C SER A 175 2.04 -4.29 14.61
N SER A 176 2.49 -3.04 14.42
CA SER A 176 2.45 -2.07 15.51
C SER A 176 1.04 -1.65 15.89
N VAL A 177 0.18 -1.48 14.90
CA VAL A 177 -1.21 -1.18 15.15
C VAL A 177 -1.85 -2.32 15.94
N LEU A 178 -1.58 -3.55 15.51
CA LEU A 178 -2.15 -4.69 16.23
C LEU A 178 -1.62 -4.82 17.66
N HIS A 179 -0.34 -4.52 17.86
CA HIS A 179 0.21 -4.52 19.19
C HIS A 179 -0.50 -3.50 20.08
N ALA A 180 -0.68 -2.29 19.55
CA ALA A 180 -1.38 -1.22 20.25
C ALA A 180 -2.83 -1.57 20.54
N ARG A 181 -3.49 -2.25 19.60
CA ARG A 181 -4.86 -2.69 19.80
C ARG A 181 -4.94 -3.61 21.01
N THR A 182 -4.06 -4.60 21.07
CA THR A 182 -4.04 -5.53 22.18
C THR A 182 -3.75 -4.85 23.51
N LYS A 183 -2.80 -3.91 23.51
CA LYS A 183 -2.32 -3.32 24.74
C LYS A 183 -3.16 -2.17 25.23
N TRP A 184 -3.67 -1.34 24.32
CA TRP A 184 -4.22 -0.04 24.71
C TRP A 184 -5.68 0.19 24.33
N LEU A 185 -6.23 -0.61 23.42
CA LEU A 185 -7.60 -0.36 22.99
C LEU A 185 -8.62 -1.00 23.94
N LYS A 186 -9.62 -0.23 24.36
CA LYS A 186 -10.66 -0.77 25.21
C LYS A 186 -11.49 -1.82 24.46
N GLU A 187 -12.15 -2.68 25.23
CA GLU A 187 -12.92 -3.75 24.62
C GLU A 187 -14.09 -3.14 23.87
N GLY A 188 -14.26 -3.55 22.63
CA GLY A 188 -15.30 -3.01 21.79
C GLY A 188 -14.86 -1.72 21.12
N GLY A 189 -13.60 -1.33 21.33
CA GLY A 189 -13.08 -0.11 20.73
C GLY A 189 -12.99 -0.11 19.22
N LEU A 190 -12.83 1.08 18.67
CA LEU A 190 -12.89 1.34 17.23
C LEU A 190 -11.49 1.39 16.61
N LEU A 191 -11.33 0.78 15.44
CA LEU A 191 -10.13 0.91 14.60
C LEU A 191 -10.45 1.58 13.30
N LEU A 192 -9.68 2.61 12.94
CA LEU A 192 -9.86 3.37 11.70
C LEU A 192 -8.57 3.41 10.90
N PRO A 193 -8.58 2.91 9.67
CA PRO A 193 -9.66 2.10 9.07
C PRO A 193 -9.80 0.74 9.76
N ALA A 194 -10.89 0.05 9.41
CA ALA A 194 -11.30 -1.17 10.08
C ALA A 194 -10.86 -2.44 9.34
N SER A 195 -10.67 -2.33 8.02
CA SER A 195 -10.37 -3.51 7.20
C SER A 195 -9.58 -3.14 5.97
N ALA A 196 -8.90 -4.14 5.39
CA ALA A 196 -8.15 -3.95 4.15
C ALA A 196 -8.50 -5.12 3.25
N GLU A 197 -8.53 -4.85 1.96
CA GLU A 197 -8.78 -5.86 0.96
C GLU A 197 -7.64 -5.78 -0.06
N LEU A 198 -7.24 -6.95 -0.55
CA LEU A 198 -6.16 -7.08 -1.51
C LEU A 198 -6.69 -7.61 -2.84
N PHE A 199 -6.20 -7.00 -3.91
CA PHE A 199 -6.62 -7.30 -5.28
C PHE A 199 -5.45 -7.60 -6.17
N VAL A 200 -5.71 -8.43 -7.18
CA VAL A 200 -4.71 -8.77 -8.17
C VAL A 200 -5.39 -8.73 -9.56
N ALA A 201 -4.64 -8.30 -10.55
CA ALA A 201 -5.08 -8.37 -11.94
C ALA A 201 -3.91 -8.66 -12.84
N PRO A 202 -4.13 -9.42 -13.90
CA PRO A 202 -3.10 -9.56 -14.91
C PRO A 202 -2.97 -8.24 -15.67
N ILE A 203 -1.76 -7.90 -16.09
CA ILE A 203 -1.53 -6.63 -16.75
C ILE A 203 -0.75 -6.77 -18.04
N SER A 204 -1.07 -5.84 -18.95
CA SER A 204 -0.27 -5.58 -20.13
C SER A 204 0.13 -4.13 -19.97
N ASP A 205 1.30 -3.94 -19.37
CA ASP A 205 1.85 -2.66 -18.97
C ASP A 205 2.29 -1.88 -20.20
N GLN A 206 1.55 -0.83 -20.50
CA GLN A 206 1.74 -0.10 -21.73
C GLN A 206 3.08 0.61 -21.78
N MET A 207 3.52 1.12 -20.63
CA MET A 207 4.85 1.72 -20.56
C MET A 207 5.95 0.68 -20.75
N LEU A 208 5.83 -0.48 -20.13
CA LEU A 208 6.83 -1.54 -20.35
C LEU A 208 6.82 -1.99 -21.81
N GLU A 209 5.63 -2.12 -22.39
CA GLU A 209 5.54 -2.55 -23.80
C GLU A 209 6.28 -1.56 -24.69
N TRP A 210 6.14 -0.27 -24.38
CA TRP A 210 6.84 0.76 -25.13
C TRP A 210 8.35 0.69 -24.94
N ARG A 211 8.81 0.43 -23.71
CA ARG A 211 10.24 0.32 -23.44
C ARG A 211 10.85 -0.88 -24.13
N LEU A 212 10.14 -1.98 -24.17
CA LEU A 212 10.68 -3.17 -24.80
C LEU A 212 10.68 -2.99 -26.32
N GLY A 213 9.65 -2.35 -26.84
CA GLY A 213 9.48 -2.23 -28.28
C GLY A 213 10.27 -1.07 -28.84
N PHE A 214 10.77 -0.22 -27.95
CA PHE A 214 11.57 0.95 -28.33
C PHE A 214 12.71 0.62 -29.29
N TRP A 215 13.44 -0.43 -28.97
CA TRP A 215 14.64 -0.76 -29.68
C TRP A 215 14.35 -1.13 -31.13
N SER A 216 13.20 -1.76 -31.36
CA SER A 216 12.79 -2.16 -32.70
CA SER A 216 12.82 -2.15 -32.71
C SER A 216 12.27 -0.97 -33.50
N GLN A 217 12.04 0.15 -32.82
CA GLN A 217 11.58 1.38 -33.47
C GLN A 217 12.71 2.36 -33.79
N VAL A 218 13.93 2.10 -33.32
CA VAL A 218 15.04 3.01 -33.56
C VAL A 218 15.30 3.13 -35.06
N LYS A 219 15.16 2.03 -35.79
CA LYS A 219 15.42 2.09 -37.24
C LYS A 219 14.50 3.13 -37.92
N GLN A 220 13.26 3.21 -37.47
CA GLN A 220 12.27 4.10 -38.07
C GLN A 220 12.46 5.57 -37.70
N HIS A 221 13.30 5.84 -36.70
CA HIS A 221 13.53 7.19 -36.23
C HIS A 221 14.92 7.70 -36.53
N TYR A 222 15.91 6.81 -36.52
CA TYR A 222 17.31 7.22 -36.74
C TYR A 222 18.06 6.47 -37.84
N GLY A 223 17.43 5.49 -38.47
CA GLY A 223 18.07 4.76 -39.54
C GLY A 223 19.11 3.76 -39.13
N VAL A 224 19.05 3.36 -37.86
CA VAL A 224 19.94 2.34 -37.30
C VAL A 224 19.09 1.26 -36.67
N ASP A 225 19.33 0.01 -37.11
CA ASP A 225 18.59 -1.11 -36.56
C ASP A 225 19.14 -1.50 -35.21
N MET A 226 18.28 -1.47 -34.20
CA MET A 226 18.71 -1.90 -32.85
C MET A 226 17.76 -2.96 -32.29
N SER A 227 17.08 -3.67 -33.18
CA SER A 227 16.07 -4.64 -32.74
CA SER A 227 16.08 -4.67 -32.79
C SER A 227 16.68 -5.74 -31.88
N CYS A 228 17.98 -5.97 -32.01
CA CYS A 228 18.62 -6.99 -31.18
CA CYS A 228 18.70 -6.93 -31.17
C CYS A 228 18.63 -6.57 -29.70
N MET A 229 18.52 -5.28 -29.41
CA MET A 229 18.51 -4.82 -28.02
CA MET A 229 18.48 -4.80 -28.03
C MET A 229 17.23 -5.27 -27.30
N GLU A 230 16.24 -5.74 -28.04
CA GLU A 230 14.98 -6.11 -27.38
C GLU A 230 15.12 -7.29 -26.43
N SER A 231 15.85 -8.35 -26.81
CA SER A 231 16.00 -9.47 -25.91
C SER A 231 16.77 -9.02 -24.67
N PHE A 232 17.75 -8.14 -24.88
CA PHE A 232 18.57 -7.64 -23.80
C PHE A 232 17.72 -6.83 -22.83
N ALA A 233 16.90 -5.93 -23.37
CA ALA A 233 16.04 -5.12 -22.55
C ALA A 233 15.01 -5.98 -21.79
N THR A 234 14.52 -7.03 -22.42
CA THR A 234 13.55 -7.92 -21.76
C THR A 234 14.20 -8.61 -20.54
N ARG A 235 15.38 -9.20 -20.75
CA ARG A 235 16.10 -9.84 -19.65
C ARG A 235 16.31 -8.85 -18.53
N CYS A 236 16.72 -7.64 -18.87
CA CYS A 236 17.02 -6.67 -17.84
C CYS A 236 15.79 -6.14 -17.10
N LEU A 237 14.72 -5.82 -17.81
CA LEU A 237 13.58 -5.21 -17.19
C LEU A 237 12.62 -6.22 -16.59
N MET A 238 12.68 -7.48 -17.01
CA MET A 238 11.70 -8.47 -16.52
C MET A 238 12.35 -9.68 -15.88
N GLY A 239 13.61 -9.94 -16.23
CA GLY A 239 14.30 -11.13 -15.75
C GLY A 239 14.95 -10.93 -14.39
N HIS A 240 14.13 -10.59 -13.42
CA HIS A 240 14.57 -10.34 -12.05
C HIS A 240 13.40 -10.67 -11.16
N SER A 241 13.62 -10.72 -9.85
CA SER A 241 12.55 -11.07 -8.93
C SER A 241 12.28 -9.94 -7.94
N GLU A 242 12.43 -8.70 -8.39
CA GLU A 242 12.06 -7.53 -7.60
C GLU A 242 10.61 -7.13 -7.84
N ILE A 243 9.93 -6.80 -6.74
CA ILE A 243 8.64 -6.11 -6.86
C ILE A 243 8.89 -4.68 -7.32
N VAL A 244 8.14 -4.24 -8.33
CA VAL A 244 8.30 -2.92 -8.93
C VAL A 244 7.08 -2.09 -8.56
N VAL A 245 7.31 -0.91 -7.99
CA VAL A 245 6.21 -0.01 -7.64
C VAL A 245 6.06 0.98 -8.78
N GLN A 246 4.89 0.96 -9.41
CA GLN A 246 4.65 1.77 -10.61
C GLN A 246 3.17 2.05 -10.68
N ASP A 247 2.79 3.21 -11.22
CA ASP A 247 1.37 3.52 -11.38
C ASP A 247 0.90 3.09 -12.76
N LEU A 248 -0.22 2.38 -12.75
CA LEU A 248 -0.89 1.89 -13.93
C LEU A 248 -2.22 2.62 -14.09
N SER A 249 -2.91 2.35 -15.18
CA SER A 249 -4.28 2.84 -15.36
C SER A 249 -5.11 1.70 -15.92
N GLY A 250 -6.37 1.98 -16.24
CA GLY A 250 -7.20 0.91 -16.75
C GLY A 250 -6.71 0.33 -18.06
N GLU A 251 -5.98 1.13 -18.83
CA GLU A 251 -5.42 0.66 -20.10
C GLU A 251 -4.48 -0.53 -19.91
N ASP A 252 -3.97 -0.70 -18.69
CA ASP A 252 -3.02 -1.75 -18.41
C ASP A 252 -3.66 -3.05 -17.90
N VAL A 253 -4.92 -2.98 -17.47
CA VAL A 253 -5.57 -4.10 -16.82
C VAL A 253 -6.14 -5.07 -17.86
N LEU A 254 -5.75 -6.35 -17.78
CA LEU A 254 -6.04 -7.31 -18.82
C LEU A 254 -7.19 -8.27 -18.51
N ALA A 255 -7.67 -8.23 -17.27
CA ALA A 255 -8.84 -9.03 -16.88
C ALA A 255 -9.46 -8.39 -15.67
N ARG A 256 -10.67 -8.81 -15.31
CA ARG A 256 -11.32 -8.24 -14.15
C ARG A 256 -10.47 -8.46 -12.90
N PRO A 257 -10.19 -7.39 -12.17
CA PRO A 257 -9.43 -7.55 -10.92
C PRO A 257 -10.16 -8.48 -9.95
N GLN A 258 -9.36 -9.25 -9.23
CA GLN A 258 -9.87 -10.25 -8.31
C GLN A 258 -9.45 -9.93 -6.90
N ARG A 259 -10.39 -9.97 -5.97
CA ARG A 259 -10.07 -9.82 -4.55
C ARG A 259 -9.50 -11.15 -4.10
N PHE A 260 -8.29 -11.18 -3.53
CA PHE A 260 -7.76 -12.48 -3.11
C PHE A 260 -7.57 -12.60 -1.60
N ALA A 261 -7.75 -11.51 -0.89
CA ALA A 261 -7.75 -11.56 0.56
C ALA A 261 -8.45 -10.37 1.19
N GLN A 262 -8.92 -10.58 2.41
CA GLN A 262 -9.52 -9.53 3.23
C GLN A 262 -9.04 -9.65 4.64
N LEU A 263 -8.64 -8.52 5.20
CA LEU A 263 -8.08 -8.48 6.54
C LEU A 263 -8.99 -7.60 7.37
N GLU A 264 -9.71 -8.18 8.31
CA GLU A 264 -10.44 -7.41 9.29
C GLU A 264 -9.47 -7.20 10.44
N LEU A 265 -9.11 -5.94 10.68
CA LEU A 265 -7.97 -5.67 11.53
C LEU A 265 -8.23 -6.01 13.01
N ALA A 266 -9.49 -6.12 13.43
CA ALA A 266 -9.77 -6.47 14.81
C ALA A 266 -9.80 -7.99 15.02
N ARG A 267 -9.63 -8.78 13.96
CA ARG A 267 -9.96 -10.20 14.11
C ARG A 267 -8.85 -10.97 14.80
N ALA A 268 -9.27 -11.97 15.56
CA ALA A 268 -8.39 -12.89 16.27
C ALA A 268 -7.47 -13.55 15.27
N GLY A 269 -6.21 -13.72 15.63
CA GLY A 269 -5.29 -14.48 14.80
C GLY A 269 -4.60 -13.74 13.68
N LEU A 270 -4.91 -12.45 13.47
CA LEU A 270 -4.33 -11.77 12.34
C LEU A 270 -2.79 -11.67 12.46
N GLU A 271 -2.26 -11.43 13.65
CA GLU A 271 -0.80 -11.33 13.78
C GLU A 271 -0.13 -12.61 13.26
N GLN A 272 -0.73 -13.76 13.53
CA GLN A 272 -0.16 -15.03 13.10
C GLN A 272 -0.32 -15.24 11.59
N GLU A 273 -1.43 -14.76 11.05
CA GLU A 273 -1.66 -14.84 9.61
C GLU A 273 -0.62 -14.02 8.87
N LEU A 274 -0.24 -12.86 9.43
CA LEU A 274 0.78 -12.02 8.79
C LEU A 274 2.12 -12.74 8.73
N GLU A 275 2.48 -13.42 9.80
CA GLU A 275 3.73 -14.18 9.84
C GLU A 275 3.72 -15.36 8.85
N ALA A 276 2.59 -16.05 8.75
CA ALA A 276 2.47 -17.25 7.92
C ALA A 276 2.19 -16.94 6.44
N GLY A 277 1.66 -15.75 6.17
CA GLY A 277 1.36 -15.33 4.81
C GLY A 277 -0.11 -15.04 4.63
N VAL A 278 -0.34 -13.87 4.05
CA VAL A 278 -1.67 -13.37 3.69
C VAL A 278 -1.86 -13.58 2.21
N GLY A 279 -2.95 -14.24 1.83
CA GLY A 279 -3.21 -14.33 0.42
C GLY A 279 -4.28 -15.31 0.07
N GLY A 280 -4.29 -15.70 -1.19
CA GLY A 280 -5.30 -16.62 -1.66
C GLY A 280 -5.21 -16.86 -3.16
N ARG A 281 -6.12 -17.69 -3.63
CA ARG A 281 -6.16 -18.08 -5.02
C ARG A 281 -6.97 -17.06 -5.81
N PHE A 282 -6.73 -17.03 -7.12
CA PHE A 282 -7.53 -16.19 -8.01
C PHE A 282 -7.68 -16.87 -9.36
N ARG A 283 -8.71 -16.46 -10.08
CA ARG A 283 -8.92 -16.91 -11.45
C ARG A 283 -9.60 -15.80 -12.23
N CYS A 284 -9.21 -15.67 -13.49
CA CYS A 284 -9.81 -14.65 -14.36
C CYS A 284 -9.67 -15.02 -15.82
N SER A 285 -10.31 -14.24 -16.68
CA SER A 285 -10.30 -14.47 -18.11
CA SER A 285 -10.32 -14.46 -18.13
C SER A 285 -9.93 -13.17 -18.84
N CYS A 286 -8.96 -13.26 -19.74
CA CYS A 286 -8.42 -12.06 -20.39
C CYS A 286 -9.42 -11.34 -21.30
N TYR A 287 -9.32 -10.02 -21.31
CA TYR A 287 -10.23 -9.18 -22.10
C TYR A 287 -9.99 -9.28 -23.62
N GLY A 288 -8.74 -9.45 -24.01
CA GLY A 288 -8.38 -9.45 -25.41
C GLY A 288 -6.92 -9.74 -25.63
N SER A 289 -6.50 -9.61 -26.87
CA SER A 289 -5.15 -9.98 -27.32
C SER A 289 -4.14 -8.96 -26.88
N ALA A 290 -3.12 -9.42 -26.15
CA ALA A 290 -2.11 -8.50 -25.68
C ALA A 290 -0.97 -9.32 -25.14
N PRO A 291 0.21 -8.69 -24.97
CA PRO A 291 1.25 -9.35 -24.20
C PRO A 291 0.94 -9.27 -22.73
N LEU A 292 0.88 -10.42 -22.06
CA LEU A 292 0.81 -10.45 -20.61
C LEU A 292 2.21 -10.25 -20.03
N HIS A 293 2.35 -9.24 -19.18
CA HIS A 293 3.64 -8.94 -18.57
C HIS A 293 3.75 -9.41 -17.16
N GLY A 294 2.62 -9.78 -16.57
CA GLY A 294 2.62 -10.17 -15.18
C GLY A 294 1.35 -9.71 -14.50
N PHE A 295 1.48 -9.33 -13.23
CA PHE A 295 0.33 -9.04 -12.38
C PHE A 295 0.57 -7.80 -11.57
N ALA A 296 -0.51 -7.07 -11.30
CA ALA A 296 -0.48 -5.95 -10.39
C ALA A 296 -1.24 -6.32 -9.13
N VAL A 297 -0.72 -5.88 -8.00
CA VAL A 297 -1.36 -6.07 -6.70
C VAL A 297 -1.60 -4.70 -6.10
N TRP A 298 -2.78 -4.54 -5.52
CA TRP A 298 -3.12 -3.29 -4.85
C TRP A 298 -4.11 -3.58 -3.74
N PHE A 299 -4.50 -2.53 -3.03
CA PHE A 299 -5.36 -2.69 -1.89
C PHE A 299 -6.36 -1.59 -1.78
N GLN A 300 -7.33 -1.82 -0.90
CA GLN A 300 -8.21 -0.75 -0.42
C GLN A 300 -8.31 -0.91 1.08
N VAL A 301 -8.62 0.17 1.77
CA VAL A 301 -8.99 0.08 3.17
C VAL A 301 -10.36 0.74 3.32
N THR A 302 -11.08 0.27 4.32
CA THR A 302 -12.48 0.66 4.54
C THR A 302 -12.64 1.24 5.94
N PHE A 303 -13.29 2.39 6.04
CA PHE A 303 -13.56 3.00 7.34
C PHE A 303 -14.94 2.52 7.80
N PRO A 304 -15.08 2.24 9.11
CA PRO A 304 -16.42 1.88 9.60
C PRO A 304 -17.43 2.97 9.25
N GLY A 305 -18.68 2.60 9.01
CA GLY A 305 -19.67 3.51 8.48
C GLY A 305 -20.13 4.62 9.42
N GLY A 306 -20.68 5.67 8.84
CA GLY A 306 -21.17 6.82 9.59
C GLY A 306 -22.10 6.46 10.74
N LYS A 310 -22.90 4.53 3.52
CA LYS A 310 -22.06 3.42 3.11
C LYS A 310 -20.64 3.66 3.64
N PRO A 311 -19.88 2.58 3.82
CA PRO A 311 -18.50 2.78 4.28
C PRO A 311 -17.68 3.59 3.30
N LEU A 312 -16.75 4.37 3.82
CA LEU A 312 -15.84 5.10 2.97
C LEU A 312 -14.65 4.21 2.67
N VAL A 313 -14.31 4.13 1.39
CA VAL A 313 -13.23 3.26 0.93
C VAL A 313 -12.12 4.10 0.33
N LEU A 314 -10.90 3.82 0.76
CA LEU A 314 -9.71 4.40 0.19
C LEU A 314 -9.07 3.34 -0.67
N SER A 315 -9.13 3.54 -1.98
CA SER A 315 -8.62 2.56 -2.96
C SER A 315 -7.33 2.98 -3.63
N THR A 316 -6.47 2.00 -3.95
CA THR A 316 -5.28 2.27 -4.71
C THR A 316 -5.30 1.50 -6.05
N SER A 317 -6.50 1.17 -6.49
CA SER A 317 -6.70 0.56 -7.80
C SER A 317 -6.25 1.44 -8.95
N PRO A 318 -5.71 0.84 -10.01
CA PRO A 318 -5.37 1.61 -11.19
C PRO A 318 -6.58 2.17 -11.89
N LEU A 319 -7.77 1.64 -11.57
CA LEU A 319 -9.00 2.14 -12.15
C LEU A 319 -9.53 3.36 -11.42
N HIS A 320 -8.92 3.69 -10.28
CA HIS A 320 -9.38 4.78 -9.42
C HIS A 320 -8.30 5.86 -9.38
N PRO A 321 -8.64 7.04 -8.82
CA PRO A 321 -7.68 8.14 -8.77
C PRO A 321 -6.34 7.72 -8.18
N ALA A 322 -5.27 8.23 -8.78
CA ALA A 322 -3.93 7.83 -8.38
C ALA A 322 -3.63 8.24 -6.94
N THR A 323 -2.80 7.43 -6.30
CA THR A 323 -2.33 7.69 -4.94
C THR A 323 -0.84 7.47 -4.94
N HIS A 324 -0.20 7.88 -3.86
CA HIS A 324 1.24 7.72 -3.79
C HIS A 324 1.67 6.26 -3.60
N TRP A 325 0.74 5.38 -3.26
CA TRP A 325 1.06 3.97 -3.13
C TRP A 325 1.22 3.30 -4.49
N LYS A 326 0.68 3.92 -5.54
CA LYS A 326 0.74 3.33 -6.89
C LYS A 326 0.22 1.88 -6.80
N GLN A 327 0.84 0.96 -7.54
CA GLN A 327 0.53 -0.48 -7.45
C GLN A 327 1.88 -1.22 -7.38
N ALA A 328 1.81 -2.47 -6.94
CA ALA A 328 2.96 -3.35 -6.81
C ALA A 328 2.93 -4.32 -8.00
N LEU A 329 3.93 -4.25 -8.85
CA LEU A 329 3.91 -5.02 -10.09
C LEU A 329 4.86 -6.21 -9.99
N LEU A 330 4.34 -7.34 -10.45
CA LEU A 330 5.01 -8.64 -10.45
C LEU A 330 5.18 -9.07 -11.88
N TYR A 331 6.35 -8.83 -12.41
CA TYR A 331 6.62 -9.13 -13.80
C TYR A 331 7.04 -10.58 -14.00
N LEU A 332 6.51 -11.21 -15.05
CA LEU A 332 7.02 -12.50 -15.49
C LEU A 332 8.41 -12.29 -16.09
N ASN A 333 9.15 -13.36 -16.34
CA ASN A 333 10.49 -13.22 -16.90
C ASN A 333 10.49 -12.71 -18.35
N GLU A 334 9.38 -12.92 -19.05
CA GLU A 334 9.22 -12.41 -20.39
C GLU A 334 7.75 -12.38 -20.69
N PRO A 335 7.34 -11.54 -21.64
CA PRO A 335 5.92 -11.48 -21.98
C PRO A 335 5.37 -12.78 -22.57
N VAL A 336 4.09 -12.99 -22.29
CA VAL A 336 3.36 -14.19 -22.71
C VAL A 336 2.20 -13.70 -23.54
N PRO A 337 2.11 -14.12 -24.80
CA PRO A 337 0.94 -13.66 -25.56
C PRO A 337 -0.36 -14.28 -25.06
N VAL A 338 -1.43 -13.48 -24.91
CA VAL A 338 -2.72 -14.02 -24.53
C VAL A 338 -3.77 -13.51 -25.50
N GLU A 339 -4.93 -14.16 -25.46
CA GLU A 339 -6.05 -13.83 -26.35
C GLU A 339 -7.28 -13.53 -25.50
N GLN A 340 -8.33 -13.03 -26.15
CA GLN A 340 -9.61 -12.92 -25.48
C GLN A 340 -10.00 -14.28 -24.91
N ASP A 341 -10.41 -14.24 -23.64
CA ASP A 341 -10.88 -15.40 -22.90
C ASP A 341 -9.80 -16.40 -22.53
N THR A 342 -8.52 -16.02 -22.66
CA THR A 342 -7.46 -16.85 -22.08
C THR A 342 -7.63 -16.90 -20.58
N ASP A 343 -7.68 -18.12 -20.03
CA ASP A 343 -7.84 -18.28 -18.59
C ASP A 343 -6.50 -18.12 -17.89
N ILE A 344 -6.55 -17.43 -16.77
CA ILE A 344 -5.36 -17.24 -15.94
C ILE A 344 -5.80 -17.54 -14.53
N SER A 345 -5.06 -18.39 -13.83
CA SER A 345 -5.38 -18.68 -12.44
C SER A 345 -4.07 -18.66 -11.68
N GLY A 346 -4.17 -18.64 -10.36
CA GLY A 346 -2.96 -18.63 -9.58
C GLY A 346 -3.20 -18.46 -8.11
N GLU A 347 -2.13 -18.15 -7.39
CA GLU A 347 -2.18 -17.97 -5.95
C GLU A 347 -1.17 -16.92 -5.67
N ILE A 348 -1.53 -16.02 -4.78
CA ILE A 348 -0.59 -15.00 -4.38
CA ILE A 348 -0.66 -14.92 -4.37
C ILE A 348 -0.57 -14.93 -2.85
N THR A 349 0.66 -14.92 -2.32
CA THR A 349 0.88 -14.84 -0.90
C THR A 349 1.85 -13.71 -0.56
N LEU A 350 1.42 -12.83 0.34
CA LEU A 350 2.25 -11.76 0.90
C LEU A 350 2.87 -12.22 2.20
N LEU A 351 4.21 -12.16 2.25
CA LEU A 351 5.01 -12.74 3.32
C LEU A 351 6.02 -11.77 3.85
N PRO A 352 6.48 -11.98 5.10
CA PRO A 352 7.66 -11.28 5.59
C PRO A 352 8.92 -11.81 4.90
N SER A 353 9.94 -10.98 4.73
CA SER A 353 11.27 -11.51 4.40
C SER A 353 11.97 -12.09 5.63
N PRO A 354 12.79 -13.13 5.43
CA PRO A 354 13.50 -13.76 6.56
C PRO A 354 14.43 -12.81 7.33
N ASP A 355 15.11 -11.91 6.63
CA ASP A 355 15.99 -10.93 7.28
C ASP A 355 15.22 -9.83 8.02
N ASN A 356 13.97 -9.62 7.59
CA ASN A 356 13.26 -8.41 7.96
C ASN A 356 11.79 -8.60 7.70
N PRO A 357 10.99 -8.76 8.77
CA PRO A 357 9.58 -9.06 8.51
C PRO A 357 8.84 -7.93 7.81
N ARG A 358 9.40 -6.74 7.83
CA ARG A 358 8.72 -5.60 7.20
C ARG A 358 9.18 -5.37 5.76
N ARG A 359 10.08 -6.20 5.25
CA ARG A 359 10.40 -6.18 3.83
C ARG A 359 9.51 -7.17 3.12
N LEU A 360 8.65 -6.68 2.23
CA LEU A 360 7.64 -7.50 1.62
C LEU A 360 8.19 -8.50 0.61
N ARG A 361 7.74 -9.73 0.78
CA ARG A 361 7.93 -10.82 -0.15
C ARG A 361 6.58 -11.21 -0.73
N ILE A 362 6.54 -11.49 -2.03
CA ILE A 362 5.32 -12.01 -2.66
C ILE A 362 5.67 -13.25 -3.44
N LEU A 363 5.02 -14.34 -3.08
CA LEU A 363 5.12 -15.61 -3.76
C LEU A 363 3.93 -15.73 -4.70
N LEU A 364 4.24 -15.87 -5.98
CA LEU A 364 3.25 -15.98 -7.04
C LEU A 364 3.32 -17.36 -7.67
N ARG A 365 2.16 -18.04 -7.71
CA ARG A 365 1.97 -19.20 -8.54
C ARG A 365 0.97 -18.80 -9.59
N TYR A 366 1.21 -19.16 -10.85
CA TYR A 366 0.31 -18.74 -11.90
C TYR A 366 0.29 -19.73 -13.05
N LYS A 367 -0.86 -19.79 -13.72
CA LYS A 367 -1.04 -20.67 -14.86
C LYS A 367 -1.79 -19.87 -15.91
N VAL A 368 -1.17 -19.72 -17.06
CA VAL A 368 -1.74 -19.00 -18.19
C VAL A 368 -2.22 -19.97 -19.25
N GLY A 369 -3.52 -20.04 -19.46
CA GLY A 369 -4.06 -20.92 -20.48
C GLY A 369 -3.65 -22.36 -20.22
N ASP A 370 -3.13 -23.01 -21.25
CA ASP A 370 -2.77 -24.41 -21.17
C ASP A 370 -1.29 -24.60 -20.81
N HIS A 371 -0.57 -23.49 -20.61
CA HIS A 371 0.82 -23.58 -20.16
C HIS A 371 0.82 -24.19 -18.76
N GLU A 372 1.94 -24.80 -18.38
CA GLU A 372 2.03 -25.37 -17.04
C GLU A 372 2.14 -24.29 -15.99
N GLU A 373 1.79 -24.66 -14.76
CA GLU A 373 1.85 -23.72 -13.66
C GLU A 373 3.31 -23.38 -13.42
N LYS A 374 3.53 -22.11 -13.09
CA LYS A 374 4.84 -21.59 -12.82
C LYS A 374 4.80 -20.89 -11.49
N THR A 375 5.99 -20.71 -10.92
CA THR A 375 6.15 -20.03 -9.67
C THR A 375 7.23 -18.98 -9.83
N LYS A 376 7.04 -17.85 -9.16
CA LYS A 376 8.04 -16.82 -9.08
C LYS A 376 7.94 -16.16 -7.71
N ASP A 377 9.11 -16.01 -7.08
CA ASP A 377 9.22 -15.53 -5.72
C ASP A 377 9.87 -14.13 -5.72
N PHE A 378 9.08 -13.12 -5.38
CA PHE A 378 9.47 -11.75 -5.50
C PHE A 378 9.79 -11.12 -4.15
N ALA A 379 10.64 -10.12 -4.15
CA ALA A 379 10.78 -9.30 -2.95
C ALA A 379 10.98 -7.85 -3.30
N MET A 380 10.56 -6.98 -2.40
CA MET A 380 10.87 -5.59 -2.47
C MET A 380 12.37 -5.35 -2.20
N GLU A 381 12.91 -4.39 -2.91
CA GLU A 381 14.34 -4.08 -2.94
C GLU A 381 14.65 -2.92 -2.01
#